data_3PDJ
#
_entry.id   3PDJ
#
_cell.length_a   107.044
_cell.length_b   107.044
_cell.length_c   132.918
_cell.angle_alpha   90.00
_cell.angle_beta   90.00
_cell.angle_gamma   120.00
#
_symmetry.space_group_name_H-M   'P 31 2 1'
#
loop_
_entity.id
_entity.type
_entity.pdbx_description
1 polymer 'Corticosteroid 11-beta-dehydrogenase isozyme 1'
2 non-polymer N-[trans-4-(3-amino-3-oxopropyl)-4-phenylcyclohexyl]-N-cyclopropyl-4-[(1S)-2,2,2-trifluoro-1-hydroxy-1-methylethyl]benzamide
3 non-polymer 'NADP NICOTINAMIDE-ADENINE-DINUCLEOTIDE PHOSPHATE'
4 water water
#
_entity_poly.entity_id   1
_entity_poly.type   'polypeptide(L)'
_entity_poly.pdbx_seq_one_letter_code
;QQPLNEEFRPEMLQGKKVIVTGASKGIGREMAYHLAKMGAHVVVTARSKETLQKVVSHCLELGAASAHYIAGTMEDMTFA
EQFVAQAGKLMGGLDMLILNHITNTSLNLFHDDIHHVRKSMEVNFLSYVVLTVAALPMLKQSNGSIVVVSSLAGKVAYPM
VAAYSASKFALDGFFSSIRKEYSVSRVNVSITLCVLGLIDTETAMKAVSGIVHMQAAPKEECALEIIKGGALRQEEVYYD
SSLWTTLLIRNPSRKILEFLYSTSYNMDRFINK
;
_entity_poly.pdbx_strand_id   A,B
#
loop_
_chem_comp.id
_chem_comp.type
_chem_comp.name
_chem_comp.formula
3PJ non-polymer N-[trans-4-(3-amino-3-oxopropyl)-4-phenylcyclohexyl]-N-cyclopropyl-4-[(1S)-2,2,2-trifluoro-1-hydroxy-1-methylethyl]benzamide 'C28 H33 F3 N2 O3'
NAP non-polymer 'NADP NICOTINAMIDE-ADENINE-DINUCLEOTIDE PHOSPHATE' 'C21 H28 N7 O17 P3'
#
# COMPACT_ATOMS: atom_id res chain seq x y z
N GLN A 1 -2.21 -6.63 20.06
CA GLN A 1 -3.62 -7.11 19.88
C GLN A 1 -3.77 -8.59 20.29
N GLN A 2 -4.70 -8.85 21.20
CA GLN A 2 -4.90 -10.20 21.73
C GLN A 2 -6.12 -10.91 21.13
N PRO A 3 -5.86 -12.01 20.37
CA PRO A 3 -6.98 -12.85 19.91
C PRO A 3 -7.62 -13.58 21.09
N LEU A 4 -8.95 -13.61 21.12
CA LEU A 4 -9.70 -14.37 22.13
C LEU A 4 -9.38 -15.84 21.96
N ASN A 5 -8.96 -16.50 23.03
CA ASN A 5 -8.52 -17.91 22.93
C ASN A 5 -9.67 -18.94 22.93
N GLU A 6 -10.90 -18.47 23.10
CA GLU A 6 -12.11 -19.30 22.94
C GLU A 6 -12.25 -19.78 21.48
N GLU A 7 -12.85 -20.96 21.28
CA GLU A 7 -13.17 -21.46 19.93
C GLU A 7 -14.34 -20.63 19.35
N PHE A 8 -14.45 -20.55 18.03
CA PHE A 8 -15.56 -19.79 17.45
C PHE A 8 -16.88 -20.54 17.65
N ARG A 9 -17.89 -19.82 18.09
CA ARG A 9 -19.25 -20.37 18.13
C ARG A 9 -20.23 -19.33 17.60
N PRO A 10 -21.18 -19.76 16.75
CA PRO A 10 -22.20 -18.87 16.16
C PRO A 10 -22.85 -17.89 17.14
N GLU A 11 -22.92 -18.24 18.42
CA GLU A 11 -23.57 -17.39 19.44
C GLU A 11 -22.80 -16.09 19.72
N MET A 12 -21.53 -16.03 19.34
CA MET A 12 -20.69 -14.84 19.56
C MET A 12 -21.26 -13.58 18.91
N LEU A 13 -22.09 -13.78 17.89
CA LEU A 13 -22.65 -12.68 17.13
C LEU A 13 -24.10 -12.34 17.51
N GLN A 14 -24.80 -13.27 18.17
CA GLN A 14 -26.20 -13.08 18.48
C GLN A 14 -26.38 -11.72 19.15
N GLY A 15 -27.22 -10.87 18.55
CA GLY A 15 -27.49 -9.54 19.09
C GLY A 15 -26.37 -8.51 18.94
N LYS A 16 -25.27 -8.89 18.29
CA LYS A 16 -24.15 -7.94 18.07
C LYS A 16 -24.50 -6.94 16.96
N LYS A 17 -23.87 -5.78 16.98
CA LYS A 17 -24.25 -4.68 16.06
C LYS A 17 -23.21 -4.46 14.97
N VAL A 18 -23.59 -4.79 13.73
CA VAL A 18 -22.62 -5.03 12.65
C VAL A 18 -22.95 -4.33 11.34
N ILE A 19 -21.97 -3.55 10.85
CA ILE A 19 -21.98 -2.97 9.50
C ILE A 19 -21.27 -3.89 8.47
N VAL A 20 -21.84 -3.97 7.26
CA VAL A 20 -21.19 -4.66 6.13
C VAL A 20 -21.31 -3.81 4.88
N THR A 21 -20.18 -3.35 4.34
CA THR A 21 -20.20 -2.55 3.10
C THR A 21 -20.02 -3.51 1.95
N GLY A 22 -20.36 -3.10 0.73
CA GLY A 22 -20.24 -4.03 -0.42
C GLY A 22 -21.13 -5.26 -0.34
N ALA A 23 -22.34 -5.06 0.19
CA ALA A 23 -23.25 -6.17 0.59
C ALA A 23 -24.43 -6.44 -0.35
N SER A 24 -24.44 -5.80 -1.52
CA SER A 24 -25.49 -6.08 -2.50
C SER A 24 -25.21 -7.34 -3.28
N LYS A 25 -23.95 -7.75 -3.28
CA LYS A 25 -23.55 -8.97 -3.98
C LYS A 25 -22.23 -9.53 -3.42
N GLY A 26 -21.85 -10.70 -3.93
CA GLY A 26 -20.58 -11.37 -3.62
C GLY A 26 -20.38 -11.70 -2.15
N ILE A 27 -19.12 -11.59 -1.71
CA ILE A 27 -18.72 -11.89 -0.34
C ILE A 27 -19.51 -11.07 0.66
N GLY A 28 -19.63 -9.78 0.39
CA GLY A 28 -20.37 -8.89 1.27
C GLY A 28 -21.77 -9.42 1.55
N ARG A 29 -22.47 -9.80 0.49
CA ARG A 29 -23.86 -10.26 0.63
C ARG A 29 -23.87 -11.55 1.45
N GLU A 30 -22.93 -12.44 1.14
CA GLU A 30 -22.82 -13.69 1.88
C GLU A 30 -22.60 -13.45 3.37
N MET A 31 -21.78 -12.44 3.69
CA MET A 31 -21.48 -12.08 5.07
C MET A 31 -22.73 -11.60 5.78
N ALA A 32 -23.49 -10.72 5.12
CA ALA A 32 -24.77 -10.25 5.67
C ALA A 32 -25.67 -11.44 6.00
N TYR A 33 -25.69 -12.42 5.12
CA TYR A 33 -26.54 -13.58 5.31
C TYR A 33 -26.09 -14.36 6.56
N HIS A 34 -24.82 -14.75 6.60
CA HIS A 34 -24.29 -15.48 7.76
C HIS A 34 -24.63 -14.79 9.07
N LEU A 35 -24.39 -13.49 9.13
CA LEU A 35 -24.70 -12.69 10.31
C LEU A 35 -26.20 -12.72 10.67
N ALA A 36 -27.06 -12.84 9.64
CA ALA A 36 -28.48 -12.99 9.87
C ALA A 36 -28.76 -14.32 10.58
N LYS A 37 -28.23 -15.42 10.05
CA LYS A 37 -28.38 -16.75 10.65
C LYS A 37 -27.91 -16.85 12.12
N MET A 38 -27.11 -15.87 12.54
CA MET A 38 -26.56 -15.82 13.88
C MET A 38 -27.35 -14.86 14.74
N GLY A 39 -28.34 -14.20 14.16
CA GLY A 39 -29.20 -13.28 14.89
C GLY A 39 -28.58 -11.94 15.21
N ALA A 40 -27.64 -11.50 14.38
CA ALA A 40 -27.08 -10.15 14.57
C ALA A 40 -28.01 -9.06 14.07
N HIS A 41 -27.81 -7.84 14.58
CA HIS A 41 -28.34 -6.65 13.94
C HIS A 41 -27.38 -6.25 12.81
N VAL A 42 -27.90 -6.13 11.59
CA VAL A 42 -27.09 -5.73 10.43
C VAL A 42 -27.59 -4.44 9.78
N VAL A 43 -26.65 -3.54 9.50
CA VAL A 43 -26.88 -2.46 8.54
C VAL A 43 -25.95 -2.76 7.36
N VAL A 44 -26.54 -2.88 6.17
CA VAL A 44 -25.81 -3.20 4.95
C VAL A 44 -25.80 -2.03 4.01
N THR A 45 -24.75 -1.94 3.18
CA THR A 45 -24.65 -0.87 2.19
C THR A 45 -23.95 -1.26 0.89
N ALA A 46 -24.19 -0.41 -0.12
CA ALA A 46 -23.74 -0.53 -1.49
C ALA A 46 -24.48 0.57 -2.26
N ARG A 47 -24.35 0.58 -3.58
CA ARG A 47 -25.11 1.57 -4.39
C ARG A 47 -26.51 1.05 -4.85
N SER A 48 -26.64 -0.28 -5.07
CA SER A 48 -27.87 -0.87 -5.61
C SER A 48 -29.04 -0.97 -4.61
N LYS A 49 -29.82 0.11 -4.53
CA LYS A 49 -31.01 0.22 -3.65
C LYS A 49 -31.98 -0.96 -3.62
N GLU A 50 -32.38 -1.46 -4.81
CA GLU A 50 -33.43 -2.50 -4.90
C GLU A 50 -32.86 -3.89 -4.64
N THR A 51 -31.57 -4.06 -4.89
CA THR A 51 -30.90 -5.30 -4.52
C THR A 51 -30.69 -5.32 -2.99
N LEU A 52 -30.35 -4.17 -2.42
CA LEU A 52 -30.15 -4.10 -0.97
C LEU A 52 -31.46 -4.41 -0.23
N GLN A 53 -32.56 -3.78 -0.67
CA GLN A 53 -33.88 -4.03 -0.09
C GLN A 53 -34.18 -5.52 -0.11
N LYS A 54 -33.93 -6.15 -1.25
CA LYS A 54 -34.04 -7.59 -1.34
C LYS A 54 -33.14 -8.31 -0.32
N VAL A 55 -31.89 -7.83 -0.16
CA VAL A 55 -30.94 -8.47 0.75
C VAL A 55 -31.42 -8.36 2.20
N VAL A 56 -31.90 -7.18 2.55
CA VAL A 56 -32.49 -6.93 3.86
C VAL A 56 -33.67 -7.89 4.14
N SER A 57 -34.47 -8.21 3.12
CA SER A 57 -35.62 -9.10 3.31
C SER A 57 -35.20 -10.54 3.60
N HIS A 58 -34.27 -11.06 2.82
CA HIS A 58 -33.82 -12.43 3.03
C HIS A 58 -33.09 -12.54 4.37
N CYS A 59 -32.43 -11.47 4.78
CA CYS A 59 -31.80 -11.38 6.09
C CYS A 59 -32.82 -11.59 7.21
N LEU A 60 -33.84 -10.72 7.28
CA LEU A 60 -34.95 -10.86 8.23
C LEU A 60 -35.52 -12.29 8.24
N GLU A 61 -35.75 -12.84 7.05
CA GLU A 61 -36.19 -14.24 6.87
C GLU A 61 -35.31 -15.30 7.53
N LEU A 62 -33.99 -15.05 7.55
CA LEU A 62 -33.04 -16.03 8.06
C LEU A 62 -32.85 -15.89 9.57
N GLY A 63 -33.31 -14.76 10.12
CA GLY A 63 -33.35 -14.57 11.56
C GLY A 63 -32.57 -13.40 12.14
N ALA A 64 -32.30 -12.38 11.32
CA ALA A 64 -31.61 -11.19 11.81
C ALA A 64 -32.42 -10.49 12.91
N ALA A 65 -31.72 -10.07 13.97
CA ALA A 65 -32.32 -9.30 15.06
C ALA A 65 -32.98 -8.01 14.55
N SER A 66 -32.22 -7.20 13.82
CA SER A 66 -32.78 -6.18 12.94
C SER A 66 -31.96 -6.18 11.65
N ALA A 67 -32.54 -5.60 10.59
CA ALA A 67 -31.87 -5.51 9.29
C ALA A 67 -32.36 -4.29 8.54
N HIS A 68 -31.42 -3.38 8.26
CA HIS A 68 -31.66 -2.17 7.49
C HIS A 68 -30.62 -2.05 6.37
N TYR A 69 -30.85 -1.08 5.48
CA TYR A 69 -29.91 -0.74 4.42
C TYR A 69 -29.90 0.76 4.27
N ILE A 70 -28.74 1.31 3.91
CA ILE A 70 -28.62 2.71 3.51
C ILE A 70 -27.79 2.64 2.22
N ALA A 71 -28.25 3.32 1.17
CA ALA A 71 -27.62 3.20 -0.14
C ALA A 71 -26.83 4.43 -0.48
N GLY A 72 -25.69 4.24 -1.15
CA GLY A 72 -24.82 5.35 -1.51
C GLY A 72 -23.50 4.89 -2.08
N THR A 73 -22.69 5.84 -2.53
CA THR A 73 -21.40 5.50 -3.12
C THR A 73 -20.27 5.92 -2.21
N MET A 74 -19.33 5.01 -2.03
CA MET A 74 -18.14 5.26 -1.23
C MET A 74 -17.09 6.11 -1.93
N GLU A 75 -17.37 6.51 -3.17
CA GLU A 75 -16.64 7.60 -3.83
C GLU A 75 -16.81 8.88 -3.02
N ASP A 76 -17.93 8.97 -2.33
CA ASP A 76 -18.33 10.18 -1.62
C ASP A 76 -17.98 10.06 -0.14
N MET A 77 -16.95 10.78 0.28
CA MET A 77 -16.44 10.72 1.65
C MET A 77 -17.47 11.17 2.69
N THR A 78 -18.23 12.20 2.33
CA THR A 78 -19.31 12.72 3.16
C THR A 78 -20.30 11.62 3.48
N PHE A 79 -20.67 10.87 2.46
CA PHE A 79 -21.62 9.77 2.63
C PHE A 79 -21.06 8.68 3.54
N ALA A 80 -19.79 8.32 3.34
CA ALA A 80 -19.12 7.35 4.22
C ALA A 80 -19.30 7.78 5.69
N GLU A 81 -19.00 9.04 5.97
CA GLU A 81 -19.11 9.61 7.31
C GLU A 81 -20.57 9.59 7.79
N GLN A 82 -21.48 10.06 6.93
CA GLN A 82 -22.92 10.07 7.19
C GLN A 82 -23.44 8.65 7.48
N PHE A 83 -23.01 7.69 6.66
CA PHE A 83 -23.53 6.35 6.72
C PHE A 83 -23.33 5.72 8.09
N VAL A 84 -22.19 5.99 8.70
CA VAL A 84 -21.82 5.34 9.94
C VAL A 84 -22.65 5.86 11.13
N ALA A 85 -22.75 7.18 11.28
CA ALA A 85 -23.64 7.79 12.28
C ALA A 85 -25.09 7.26 12.17
N GLN A 86 -25.64 7.27 10.95
CA GLN A 86 -27.00 6.81 10.74
C GLN A 86 -27.16 5.33 11.03
N ALA A 87 -26.16 4.54 10.67
CA ALA A 87 -26.20 3.10 10.94
C ALA A 87 -26.11 2.79 12.44
N GLY A 88 -25.34 3.63 13.16
CA GLY A 88 -25.21 3.53 14.60
C GLY A 88 -26.57 3.73 15.26
N LYS A 89 -27.18 4.87 15.00
CA LYS A 89 -28.54 5.19 15.46
C LYS A 89 -29.52 4.06 15.21
N LEU A 90 -29.46 3.48 14.01
CA LEU A 90 -30.37 2.38 13.65
C LEU A 90 -30.20 1.15 14.53
N MET A 91 -29.00 0.98 15.09
CA MET A 91 -28.68 -0.25 15.82
C MET A 91 -28.52 -0.01 17.32
N GLY A 92 -28.40 1.25 17.70
CA GLY A 92 -28.16 1.64 19.09
C GLY A 92 -26.69 1.56 19.46
N GLY A 93 -25.82 1.59 18.44
CA GLY A 93 -24.37 1.39 18.61
C GLY A 93 -23.75 0.49 17.52
N LEU A 94 -22.54 0.00 17.78
CA LEU A 94 -21.77 -0.73 16.79
C LEU A 94 -20.71 -1.61 17.45
N ASP A 95 -20.74 -2.91 17.15
CA ASP A 95 -19.78 -3.89 17.68
C ASP A 95 -18.73 -4.34 16.65
N MET A 96 -19.07 -4.23 15.37
CA MET A 96 -18.19 -4.68 14.32
C MET A 96 -18.44 -3.90 13.02
N LEU A 97 -17.33 -3.41 12.45
CA LEU A 97 -17.36 -2.70 11.19
C LEU A 97 -16.61 -3.56 10.17
N ILE A 98 -17.34 -4.01 9.16
CA ILE A 98 -16.78 -4.87 8.14
C ILE A 98 -16.68 -4.09 6.82
N LEU A 99 -15.45 -3.87 6.38
CA LEU A 99 -15.13 -3.03 5.22
C LEU A 99 -14.76 -3.93 4.08
N ASN A 100 -15.61 -3.95 3.05
CA ASN A 100 -15.56 -5.01 2.02
C ASN A 100 -15.68 -4.52 0.56
N HIS A 101 -16.30 -3.36 0.36
CA HIS A 101 -16.53 -2.81 -0.98
C HIS A 101 -15.26 -2.44 -1.75
N ILE A 102 -15.27 -2.71 -3.05
CA ILE A 102 -14.27 -2.13 -3.98
C ILE A 102 -14.96 -1.46 -5.18
N THR A 103 -14.24 -0.57 -5.86
CA THR A 103 -14.71 0.04 -7.10
C THR A 103 -14.43 -0.93 -8.23
N ASN A 104 -15.23 -0.84 -9.30
CA ASN A 104 -15.06 -1.79 -10.40
C ASN A 104 -13.68 -1.74 -10.97
N THR A 105 -13.20 -2.89 -11.40
CA THR A 105 -11.96 -2.90 -12.13
C THR A 105 -11.99 -4.10 -13.02
N SER A 106 -11.03 -4.17 -13.93
CA SER A 106 -10.92 -5.32 -14.79
C SER A 106 -9.47 -5.74 -14.86
N LEU A 107 -9.25 -6.93 -15.35
CA LEU A 107 -7.92 -7.47 -15.53
C LEU A 107 -7.28 -6.92 -16.80
N ASN A 108 -6.54 -5.84 -16.66
CA ASN A 108 -5.87 -5.21 -17.78
C ASN A 108 -4.50 -4.65 -17.45
N LEU A 109 -3.64 -4.55 -18.45
CA LEU A 109 -2.38 -3.87 -18.29
C LEU A 109 -2.61 -2.40 -17.99
N PHE A 110 -1.79 -1.83 -17.13
CA PHE A 110 -1.91 -0.42 -16.84
C PHE A 110 -1.23 0.33 -17.96
N HIS A 111 -1.81 1.43 -18.41
CA HIS A 111 -1.18 2.25 -19.46
C HIS A 111 -0.92 3.69 -19.02
N ASP A 112 -1.99 4.45 -18.83
CA ASP A 112 -1.82 5.85 -18.50
C ASP A 112 -2.99 6.39 -17.72
N ASP A 113 -3.80 5.49 -17.19
CA ASP A 113 -5.04 5.93 -16.56
C ASP A 113 -4.87 6.24 -15.07
N ILE A 114 -4.33 7.42 -14.83
CA ILE A 114 -4.15 7.99 -13.51
C ILE A 114 -5.49 8.11 -12.76
N HIS A 115 -6.58 8.38 -13.50
CA HIS A 115 -7.87 8.61 -12.87
C HIS A 115 -8.46 7.36 -12.24
N HIS A 116 -8.30 6.23 -12.90
CA HIS A 116 -8.69 4.95 -12.37
C HIS A 116 -7.83 4.55 -11.15
N VAL A 117 -6.55 4.93 -11.16
CA VAL A 117 -5.66 4.74 -10.01
C VAL A 117 -6.18 5.54 -8.81
N ARG A 118 -6.45 6.82 -9.03
CA ARG A 118 -6.96 7.71 -7.96
C ARG A 118 -8.27 7.19 -7.39
N LYS A 119 -9.21 6.87 -8.26
CA LYS A 119 -10.53 6.41 -7.86
C LYS A 119 -10.45 5.11 -7.07
N SER A 120 -9.60 4.18 -7.52
CA SER A 120 -9.27 2.99 -6.75
C SER A 120 -8.80 3.33 -5.32
N MET A 121 -7.89 4.29 -5.21
CA MET A 121 -7.34 4.69 -3.90
C MET A 121 -8.42 5.34 -3.06
N GLU A 122 -9.23 6.19 -3.69
CA GLU A 122 -10.33 6.86 -3.00
C GLU A 122 -11.36 5.89 -2.44
N VAL A 123 -11.80 4.96 -3.28
CA VAL A 123 -12.87 4.03 -2.90
C VAL A 123 -12.37 2.80 -2.14
N ASN A 124 -11.32 2.15 -2.64
CA ASN A 124 -10.84 0.93 -2.00
C ASN A 124 -10.04 1.19 -0.72
N PHE A 125 -9.55 2.41 -0.54
CA PHE A 125 -8.71 2.73 0.61
C PHE A 125 -9.18 3.95 1.43
N LEU A 126 -9.26 5.11 0.82
CA LEU A 126 -9.55 6.30 1.60
C LEU A 126 -10.93 6.20 2.30
N SER A 127 -11.91 5.62 1.60
CA SER A 127 -13.24 5.44 2.20
C SER A 127 -13.19 4.57 3.44
N TYR A 128 -12.36 3.52 3.42
CA TYR A 128 -12.18 2.63 4.58
C TYR A 128 -11.63 3.41 5.79
N VAL A 129 -10.73 4.35 5.55
CA VAL A 129 -10.20 5.23 6.60
C VAL A 129 -11.29 6.18 7.12
N VAL A 130 -12.07 6.76 6.21
CA VAL A 130 -13.16 7.63 6.64
C VAL A 130 -14.16 6.86 7.51
N LEU A 131 -14.50 5.64 7.11
CA LEU A 131 -15.48 4.83 7.81
C LEU A 131 -15.01 4.46 9.21
N THR A 132 -13.70 4.26 9.32
CA THR A 132 -13.07 3.89 10.57
C THR A 132 -13.06 5.07 11.52
N VAL A 133 -12.61 6.21 11.05
CA VAL A 133 -12.63 7.41 11.87
C VAL A 133 -14.05 7.67 12.37
N ALA A 134 -15.05 7.47 11.52
CA ALA A 134 -16.42 7.76 11.96
C ALA A 134 -16.93 6.68 12.91
N ALA A 135 -16.39 5.47 12.80
CA ALA A 135 -16.88 4.35 13.59
C ALA A 135 -16.23 4.23 14.96
N LEU A 136 -15.05 4.83 15.12
CA LEU A 136 -14.19 4.52 16.26
C LEU A 136 -14.81 4.82 17.63
N PRO A 137 -15.42 6.03 17.81
CA PRO A 137 -15.99 6.29 19.13
C PRO A 137 -16.98 5.20 19.56
N MET A 138 -17.86 4.77 18.65
CA MET A 138 -18.80 3.70 18.98
C MET A 138 -18.13 2.36 19.20
N LEU A 139 -17.01 2.12 18.52
CA LEU A 139 -16.33 0.84 18.71
C LEU A 139 -15.52 0.82 20.01
N LYS A 140 -15.08 1.99 20.45
CA LYS A 140 -14.43 2.12 21.74
C LYS A 140 -15.44 1.76 22.83
N GLN A 141 -16.60 2.42 22.79
CA GLN A 141 -17.70 2.13 23.72
C GLN A 141 -17.93 0.64 23.89
N SER A 142 -17.93 -0.08 22.78
CA SER A 142 -18.28 -1.49 22.79
C SER A 142 -17.10 -2.46 22.82
N ASN A 143 -15.86 -1.95 22.87
CA ASN A 143 -14.66 -2.77 22.63
C ASN A 143 -14.76 -3.60 21.35
N GLY A 144 -15.19 -2.95 20.27
CA GLY A 144 -15.56 -3.68 19.05
C GLY A 144 -14.41 -4.03 18.10
N SER A 145 -14.79 -4.36 16.85
CA SER A 145 -13.84 -4.85 15.85
C SER A 145 -13.97 -4.16 14.48
N ILE A 146 -12.81 -3.95 13.85
CA ILE A 146 -12.70 -3.47 12.47
C ILE A 146 -12.17 -4.62 11.64
N VAL A 147 -12.96 -5.03 10.64
CA VAL A 147 -12.57 -6.08 9.70
C VAL A 147 -12.35 -5.47 8.29
N VAL A 148 -11.20 -5.77 7.72
CA VAL A 148 -10.78 -5.14 6.48
C VAL A 148 -10.49 -6.23 5.49
N VAL A 149 -11.29 -6.26 4.42
CA VAL A 149 -11.15 -7.31 3.42
C VAL A 149 -10.09 -6.91 2.40
N SER A 150 -9.15 -7.82 2.16
CA SER A 150 -8.05 -7.51 1.26
C SER A 150 -7.77 -8.74 0.40
N SER A 151 -6.55 -8.94 -0.06
CA SER A 151 -6.36 -9.96 -1.08
C SER A 151 -4.93 -10.47 -1.09
N LEU A 152 -4.69 -11.67 -1.59
CA LEU A 152 -3.32 -12.04 -1.93
C LEU A 152 -2.55 -10.93 -2.61
N ALA A 153 -3.26 -10.16 -3.42
CA ALA A 153 -2.64 -9.16 -4.29
C ALA A 153 -2.38 -7.89 -3.52
N GLY A 154 -2.82 -7.86 -2.27
CA GLY A 154 -2.37 -6.87 -1.31
C GLY A 154 -1.20 -7.41 -0.45
N LYS A 155 -0.59 -8.52 -0.85
CA LYS A 155 0.59 -9.09 -0.12
C LYS A 155 1.73 -9.42 -1.04
N VAL A 156 1.39 -9.81 -2.27
CA VAL A 156 2.38 -10.10 -3.30
C VAL A 156 1.93 -9.41 -4.60
N ALA A 157 2.83 -9.34 -5.57
CA ALA A 157 2.57 -8.64 -6.81
C ALA A 157 1.96 -9.59 -7.88
N TYR A 158 0.96 -9.07 -8.60
CA TYR A 158 0.42 -9.71 -9.83
C TYR A 158 0.33 -8.67 -10.94
N PRO A 159 0.63 -9.07 -12.20
CA PRO A 159 0.31 -8.17 -13.29
C PRO A 159 -1.20 -8.04 -13.44
N MET A 160 -1.67 -6.94 -14.05
CA MET A 160 -3.05 -6.78 -14.51
C MET A 160 -3.94 -6.18 -13.45
N VAL A 161 -3.38 -5.97 -12.25
CA VAL A 161 -4.20 -5.43 -11.16
C VAL A 161 -3.42 -4.36 -10.40
N ALA A 162 -2.72 -3.50 -11.13
CA ALA A 162 -1.83 -2.52 -10.51
C ALA A 162 -2.51 -1.55 -9.56
N ALA A 163 -3.51 -0.81 -10.03
CA ALA A 163 -4.19 0.16 -9.17
C ALA A 163 -4.86 -0.55 -8.00
N TYR A 164 -5.46 -1.69 -8.29
CA TYR A 164 -6.12 -2.48 -7.28
C TYR A 164 -5.14 -2.98 -6.20
N SER A 165 -3.98 -3.49 -6.59
CA SER A 165 -2.97 -3.92 -5.61
C SER A 165 -2.40 -2.73 -4.79
N ALA A 166 -2.18 -1.60 -5.43
CA ALA A 166 -1.77 -0.40 -4.69
C ALA A 166 -2.74 -0.13 -3.56
N SER A 167 -4.04 -0.20 -3.82
CA SER A 167 -5.03 0.17 -2.82
C SER A 167 -5.07 -0.86 -1.70
N LYS A 168 -4.85 -2.13 -2.03
CA LYS A 168 -4.85 -3.20 -1.06
C LYS A 168 -3.57 -3.27 -0.21
N PHE A 169 -2.41 -3.02 -0.84
CA PHE A 169 -1.17 -2.82 -0.09
C PHE A 169 -1.34 -1.65 0.87
N ALA A 170 -1.90 -0.53 0.38
CA ALA A 170 -2.19 0.65 1.22
C ALA A 170 -3.01 0.32 2.48
N LEU A 171 -3.99 -0.55 2.33
CA LEU A 171 -4.80 -0.93 3.46
C LEU A 171 -3.96 -1.62 4.56
N ASP A 172 -3.05 -2.48 4.13
CA ASP A 172 -2.14 -3.19 5.03
C ASP A 172 -1.29 -2.17 5.79
N GLY A 173 -0.57 -1.33 5.06
CA GLY A 173 0.19 -0.22 5.64
C GLY A 173 -0.60 0.59 6.64
N PHE A 174 -1.77 1.08 6.23
CA PHE A 174 -2.53 1.93 7.14
C PHE A 174 -3.04 1.21 8.39
N PHE A 175 -3.73 0.09 8.20
CA PHE A 175 -4.38 -0.56 9.33
C PHE A 175 -3.43 -1.37 10.23
N SER A 176 -2.36 -1.92 9.66
CA SER A 176 -1.34 -2.58 10.48
C SER A 176 -0.64 -1.55 11.40
N SER A 177 -0.46 -0.32 10.89
CA SER A 177 0.13 0.76 11.63
C SER A 177 -0.73 1.32 12.74
N ILE A 178 -2.03 1.53 12.47
CA ILE A 178 -2.87 2.02 13.54
C ILE A 178 -3.13 0.92 14.56
N ARG A 179 -3.00 -0.33 14.15
CA ARG A 179 -3.04 -1.42 15.12
C ARG A 179 -1.91 -1.32 16.18
N LYS A 180 -0.69 -0.97 15.75
CA LYS A 180 0.39 -0.73 16.70
C LYS A 180 0.05 0.47 17.58
N GLU A 181 -0.53 1.52 16.97
CA GLU A 181 -0.94 2.69 17.72
C GLU A 181 -1.99 2.37 18.79
N TYR A 182 -2.92 1.46 18.48
CA TYR A 182 -3.97 1.06 19.40
C TYR A 182 -3.45 0.23 20.61
N SER A 183 -2.41 -0.57 20.38
CA SER A 183 -1.79 -1.31 21.47
C SER A 183 -1.06 -0.40 22.44
N VAL A 184 -0.27 0.55 21.93
CA VAL A 184 0.44 1.48 22.82
C VAL A 184 -0.47 2.50 23.51
N SER A 185 -1.55 2.91 22.83
CA SER A 185 -2.53 3.84 23.39
C SER A 185 -3.63 3.12 24.16
N ARG A 186 -3.52 1.80 24.28
CA ARG A 186 -4.49 0.95 24.98
C ARG A 186 -5.94 1.19 24.53
N VAL A 187 -6.17 1.23 23.23
CA VAL A 187 -7.52 1.28 22.64
C VAL A 187 -7.96 -0.17 22.36
N ASN A 188 -9.09 -0.56 22.92
CA ASN A 188 -9.49 -1.97 22.87
C ASN A 188 -10.40 -2.34 21.68
N VAL A 189 -9.98 -1.92 20.49
CA VAL A 189 -10.67 -2.23 19.22
C VAL A 189 -9.75 -3.14 18.42
N SER A 190 -10.20 -4.32 18.05
CA SER A 190 -9.35 -5.18 17.23
C SER A 190 -9.42 -4.81 15.73
N ILE A 191 -8.34 -5.15 15.03
CA ILE A 191 -8.21 -4.94 13.59
C ILE A 191 -7.84 -6.26 12.96
N THR A 192 -8.76 -6.80 12.17
CA THR A 192 -8.51 -7.99 11.39
C THR A 192 -8.39 -7.68 9.88
N LEU A 193 -7.28 -8.10 9.28
CA LEU A 193 -7.03 -7.96 7.85
C LEU A 193 -7.16 -9.35 7.19
N CYS A 194 -8.05 -9.46 6.21
CA CYS A 194 -8.33 -10.73 5.57
C CYS A 194 -7.65 -10.81 4.23
N VAL A 195 -6.91 -11.88 4.01
CA VAL A 195 -6.11 -11.99 2.83
C VAL A 195 -6.71 -13.11 2.00
N LEU A 196 -7.48 -12.74 0.97
CA LEU A 196 -8.22 -13.70 0.12
C LEU A 196 -7.57 -14.00 -1.21
N GLY A 197 -7.59 -15.27 -1.59
CA GLY A 197 -7.27 -15.68 -2.95
C GLY A 197 -8.49 -15.52 -3.87
N LEU A 198 -8.43 -16.12 -5.05
CA LEU A 198 -9.57 -16.03 -5.98
C LEU A 198 -10.81 -16.66 -5.37
N ILE A 199 -11.89 -15.88 -5.31
CA ILE A 199 -13.19 -16.32 -4.80
C ILE A 199 -14.26 -16.36 -5.92
N ASP A 200 -15.20 -17.30 -5.83
CA ASP A 200 -16.13 -17.60 -6.95
C ASP A 200 -17.32 -16.67 -7.03
N THR A 201 -17.08 -15.39 -6.81
CA THR A 201 -18.12 -14.41 -6.99
C THR A 201 -18.30 -14.17 -8.51
N GLU A 202 -19.51 -13.78 -8.88
CA GLU A 202 -19.89 -13.57 -10.28
C GLU A 202 -18.97 -12.56 -11.00
N THR A 203 -18.73 -11.42 -10.37
CA THR A 203 -17.76 -10.45 -10.92
C THR A 203 -16.43 -11.12 -11.26
N ALA A 204 -15.85 -11.84 -10.31
CA ALA A 204 -14.58 -12.50 -10.53
C ALA A 204 -14.72 -13.60 -11.56
N MET A 205 -15.77 -14.39 -11.46
CA MET A 205 -15.91 -15.52 -12.38
C MET A 205 -16.11 -15.07 -13.85
N LYS A 206 -16.86 -13.98 -14.05
CA LYS A 206 -16.97 -13.39 -15.38
C LYS A 206 -15.59 -12.96 -15.90
N ALA A 207 -14.85 -12.20 -15.08
CA ALA A 207 -13.58 -11.63 -15.50
C ALA A 207 -12.55 -12.68 -15.88
N VAL A 208 -12.69 -13.88 -15.32
CA VAL A 208 -11.71 -14.94 -15.62
C VAL A 208 -12.27 -16.12 -16.42
N SER A 209 -13.53 -16.01 -16.86
CA SER A 209 -14.18 -16.98 -17.80
C SER A 209 -13.22 -17.41 -18.88
N GLY A 210 -13.14 -18.72 -19.09
CA GLY A 210 -12.34 -19.26 -20.16
C GLY A 210 -10.85 -19.17 -19.88
N ILE A 211 -10.47 -18.62 -18.73
CA ILE A 211 -9.03 -18.69 -18.38
C ILE A 211 -8.69 -19.97 -17.61
N VAL A 212 -7.56 -20.54 -17.97
CA VAL A 212 -7.10 -21.81 -17.43
C VAL A 212 -6.53 -21.59 -16.01
N HIS A 213 -6.68 -22.60 -15.15
CA HIS A 213 -6.09 -22.61 -13.80
C HIS A 213 -6.75 -21.61 -12.84
N MET A 214 -8.02 -21.31 -13.12
CA MET A 214 -8.76 -20.32 -12.34
C MET A 214 -9.60 -20.99 -11.25
N GLN A 215 -8.88 -21.61 -10.30
CA GLN A 215 -9.49 -22.28 -9.17
C GLN A 215 -9.96 -21.26 -8.14
N ALA A 216 -11.27 -21.23 -7.95
CA ALA A 216 -11.86 -20.28 -7.04
C ALA A 216 -12.37 -21.00 -5.79
N ALA A 217 -12.31 -20.29 -4.66
CA ALA A 217 -12.87 -20.79 -3.43
C ALA A 217 -14.30 -20.30 -3.26
N PRO A 218 -15.14 -21.07 -2.54
CA PRO A 218 -16.55 -20.73 -2.42
C PRO A 218 -16.76 -19.49 -1.56
N LYS A 219 -17.61 -18.59 -2.05
CA LYS A 219 -17.86 -17.31 -1.39
C LYS A 219 -18.57 -17.45 -0.06
N GLU A 220 -19.29 -18.57 0.11
CA GLU A 220 -20.09 -18.80 1.31
C GLU A 220 -19.18 -19.07 2.50
N GLU A 221 -18.26 -20.01 2.32
CA GLU A 221 -17.21 -20.31 3.29
C GLU A 221 -16.29 -19.09 3.49
N CYS A 222 -15.82 -18.48 2.40
CA CYS A 222 -15.02 -17.26 2.48
C CYS A 222 -15.63 -16.26 3.45
N ALA A 223 -16.93 -16.02 3.30
CA ALA A 223 -17.63 -15.06 4.14
C ALA A 223 -17.69 -15.46 5.61
N LEU A 224 -17.91 -16.75 5.87
CA LEU A 224 -17.86 -17.27 7.24
C LEU A 224 -16.47 -17.04 7.88
N GLU A 225 -15.42 -17.46 7.17
CA GLU A 225 -14.04 -17.34 7.66
C GLU A 225 -13.65 -15.91 8.05
N ILE A 226 -14.17 -14.92 7.33
CA ILE A 226 -13.89 -13.53 7.61
C ILE A 226 -14.58 -13.13 8.90
N ILE A 227 -15.83 -13.59 9.04
CA ILE A 227 -16.60 -13.27 10.23
C ILE A 227 -15.91 -13.88 11.47
N LYS A 228 -15.49 -15.15 11.37
CA LYS A 228 -14.83 -15.82 12.50
C LYS A 228 -13.58 -15.05 12.92
N GLY A 229 -12.68 -14.79 11.96
CA GLY A 229 -11.45 -14.06 12.22
C GLY A 229 -11.77 -12.74 12.90
N GLY A 230 -12.78 -12.04 12.41
CA GLY A 230 -13.19 -10.79 13.02
C GLY A 230 -13.62 -10.99 14.46
N ALA A 231 -14.44 -12.02 14.68
CA ALA A 231 -15.06 -12.25 15.98
C ALA A 231 -14.00 -12.66 17.01
N LEU A 232 -13.06 -13.50 16.57
CA LEU A 232 -11.96 -13.96 17.40
C LEU A 232 -10.82 -12.94 17.53
N ARG A 233 -11.01 -11.74 16.99
CA ARG A 233 -9.98 -10.68 17.04
C ARG A 233 -8.58 -11.10 16.51
N GLN A 234 -8.54 -11.97 15.50
CA GLN A 234 -7.28 -12.32 14.86
C GLN A 234 -6.72 -11.10 14.12
N GLU A 235 -5.39 -11.01 14.00
CA GLU A 235 -4.75 -9.93 13.27
C GLU A 235 -4.98 -10.05 11.74
N GLU A 236 -4.89 -11.29 11.26
CA GLU A 236 -5.06 -11.61 9.87
C GLU A 236 -5.85 -12.92 9.70
N VAL A 237 -6.70 -12.97 8.66
CA VAL A 237 -7.32 -14.23 8.16
C VAL A 237 -6.70 -14.53 6.80
N TYR A 238 -6.28 -15.76 6.56
CA TYR A 238 -5.76 -16.13 5.24
C TYR A 238 -6.68 -17.18 4.68
N TYR A 239 -7.24 -16.91 3.50
CA TYR A 239 -8.20 -17.82 2.89
C TYR A 239 -8.02 -17.96 1.37
N ASP A 240 -7.67 -19.16 0.95
CA ASP A 240 -7.41 -19.45 -0.44
C ASP A 240 -7.75 -20.90 -0.66
N SER A 241 -7.99 -21.27 -1.92
CA SER A 241 -8.38 -22.64 -2.21
C SER A 241 -7.16 -23.57 -2.25
N SER A 242 -5.95 -23.03 -2.34
CA SER A 242 -4.76 -23.90 -2.31
C SER A 242 -4.16 -24.00 -0.90
N LEU A 243 -3.87 -25.22 -0.47
CA LEU A 243 -3.24 -25.43 0.84
C LEU A 243 -1.84 -24.81 0.86
N TRP A 244 -1.04 -25.05 -0.18
CA TRP A 244 0.30 -24.43 -0.27
C TRP A 244 0.26 -22.91 -0.05
N THR A 245 -0.56 -22.23 -0.84
CA THR A 245 -0.73 -20.80 -0.78
C THR A 245 -1.14 -20.33 0.62
N THR A 246 -2.09 -21.04 1.23
CA THR A 246 -2.57 -20.71 2.57
C THR A 246 -1.42 -20.73 3.61
N LEU A 247 -0.41 -21.57 3.36
CA LEU A 247 0.69 -21.74 4.30
C LEU A 247 1.77 -20.70 4.04
N LEU A 248 2.08 -20.49 2.76
CA LEU A 248 3.17 -19.65 2.30
C LEU A 248 2.90 -18.15 2.50
N ILE A 249 1.64 -17.79 2.59
CA ILE A 249 1.21 -16.39 2.74
C ILE A 249 1.32 -15.88 4.20
N ARG A 250 1.34 -16.78 5.17
CA ARG A 250 1.71 -16.41 6.55
C ARG A 250 3.04 -15.67 6.59
N ASN A 251 3.10 -14.59 7.35
CA ASN A 251 4.37 -13.87 7.54
C ASN A 251 4.63 -13.58 9.05
N PRO A 252 4.89 -14.64 9.86
CA PRO A 252 5.15 -14.37 11.28
C PRO A 252 6.46 -13.62 11.48
N SER A 253 7.41 -13.79 10.55
CA SER A 253 8.71 -13.20 10.73
C SER A 253 8.66 -11.67 10.62
N ARG A 254 7.69 -11.14 9.86
CA ARG A 254 7.43 -9.69 9.86
C ARG A 254 6.95 -9.23 11.21
N LYS A 255 6.12 -10.03 11.87
CA LYS A 255 5.58 -9.67 13.18
C LYS A 255 6.66 -9.68 14.28
N ILE A 256 7.64 -10.55 14.11
CA ILE A 256 8.74 -10.63 15.04
C ILE A 256 9.64 -9.43 14.78
N LEU A 257 9.90 -9.16 13.51
CA LEU A 257 10.70 -8.01 13.12
C LEU A 257 10.13 -6.70 13.66
N GLU A 258 8.80 -6.58 13.62
CA GLU A 258 8.09 -5.42 14.13
C GLU A 258 8.30 -5.28 15.65
N PHE A 259 8.22 -6.40 16.36
CA PHE A 259 8.50 -6.39 17.80
C PHE A 259 9.94 -5.93 18.12
N LEU A 260 10.92 -6.54 17.45
CA LEU A 260 12.31 -6.15 17.57
C LEU A 260 12.55 -4.65 17.34
N TYR A 261 11.98 -4.09 16.25
CA TYR A 261 12.07 -2.67 16.00
C TYR A 261 11.47 -1.84 17.14
N SER A 262 10.34 -2.28 17.69
CA SER A 262 9.65 -1.53 18.72
C SER A 262 10.41 -1.55 20.08
N THR A 263 11.32 -2.52 20.23
CA THR A 263 12.05 -2.71 21.49
C THR A 263 13.54 -2.44 21.30
N SER A 264 13.92 -1.77 20.20
CA SER A 264 15.32 -1.46 19.97
C SER A 264 15.61 0.05 19.95
N TYR A 265 16.85 0.40 20.31
CA TYR A 265 17.29 1.80 20.25
C TYR A 265 18.77 1.75 20.05
N ASN A 266 19.33 2.86 19.59
CA ASN A 266 20.73 2.91 19.26
C ASN A 266 21.11 1.73 18.36
N MET A 267 22.21 1.05 18.66
CA MET A 267 22.63 -0.10 17.84
C MET A 267 21.97 -1.39 18.32
N ASP A 268 20.67 -1.51 18.06
CA ASP A 268 19.91 -2.70 18.43
C ASP A 268 20.10 -3.07 19.93
N ARG A 269 19.84 -2.07 20.78
CA ARG A 269 19.83 -2.29 22.22
C ARG A 269 18.40 -2.47 22.67
N PHE A 270 18.22 -3.34 23.65
CA PHE A 270 16.92 -3.65 24.19
C PHE A 270 16.49 -2.58 25.18
N ILE A 271 15.25 -2.10 25.05
CA ILE A 271 14.75 -1.04 25.91
C ILE A 271 14.44 -1.48 27.34
N ASN A 272 14.15 -2.76 27.55
CA ASN A 272 13.63 -3.22 28.85
C ASN A 272 14.53 -4.20 29.64
N GLN B 2 15.26 -8.48 -13.71
CA GLN B 2 16.44 -8.98 -14.48
C GLN B 2 17.61 -7.97 -14.48
N PRO B 3 18.53 -8.08 -13.48
CA PRO B 3 19.62 -7.10 -13.28
C PRO B 3 20.75 -7.14 -14.33
N LEU B 4 21.72 -6.24 -14.20
CA LEU B 4 22.96 -6.27 -14.98
C LEU B 4 24.01 -7.12 -14.25
N ASN B 5 24.74 -7.96 -14.99
CA ASN B 5 25.67 -8.95 -14.41
C ASN B 5 26.85 -8.41 -13.56
N GLU B 6 27.54 -7.41 -14.10
CA GLU B 6 28.84 -6.93 -13.56
C GLU B 6 28.72 -6.20 -12.22
N GLU B 7 29.86 -5.69 -11.75
CA GLU B 7 29.89 -4.86 -10.55
C GLU B 7 29.76 -3.39 -10.95
N PHE B 8 29.31 -2.56 -10.01
CA PHE B 8 29.12 -1.15 -10.27
C PHE B 8 30.43 -0.38 -10.55
N ARG B 9 30.40 0.46 -11.58
CA ARG B 9 31.49 1.42 -11.82
C ARG B 9 30.84 2.78 -11.99
N PRO B 10 31.41 3.83 -11.35
CA PRO B 10 30.92 5.21 -11.51
C PRO B 10 30.79 5.62 -12.98
N GLU B 11 31.62 5.03 -13.84
CA GLU B 11 31.62 5.30 -15.26
C GLU B 11 30.23 5.08 -15.91
N MET B 12 29.45 4.18 -15.30
CA MET B 12 28.08 3.84 -15.74
C MET B 12 27.07 4.96 -15.82
N LEU B 13 27.29 6.04 -15.07
CA LEU B 13 26.38 7.20 -15.10
C LEU B 13 26.88 8.35 -15.96
N GLN B 14 28.09 8.18 -16.50
CA GLN B 14 28.71 9.27 -17.26
C GLN B 14 27.91 9.59 -18.50
N GLY B 15 27.41 10.82 -18.57
CA GLY B 15 26.65 11.28 -19.73
C GLY B 15 25.19 10.85 -19.70
N LYS B 16 24.83 10.04 -18.70
CA LYS B 16 23.45 9.60 -18.52
C LYS B 16 22.55 10.77 -18.12
N LYS B 17 21.28 10.67 -18.48
CA LYS B 17 20.34 11.75 -18.29
C LYS B 17 19.37 11.37 -17.17
N VAL B 18 19.40 12.13 -16.08
CA VAL B 18 18.74 11.71 -14.85
C VAL B 18 17.90 12.81 -14.19
N ILE B 19 16.72 12.43 -13.71
CA ILE B 19 15.88 13.30 -12.90
C ILE B 19 15.93 12.83 -11.46
N VAL B 20 16.11 13.77 -10.54
CA VAL B 20 15.93 13.48 -9.12
C VAL B 20 14.90 14.44 -8.57
N THR B 21 13.82 13.88 -8.00
CA THR B 21 12.79 14.70 -7.33
C THR B 21 13.14 14.85 -5.85
N GLY B 22 12.53 15.81 -5.17
CA GLY B 22 12.85 16.13 -3.79
C GLY B 22 14.35 16.25 -3.55
N ALA B 23 15.01 16.99 -4.43
CA ALA B 23 16.45 16.99 -4.46
C ALA B 23 17.07 18.31 -4.00
N SER B 24 16.39 19.03 -3.11
CA SER B 24 16.96 20.26 -2.54
C SER B 24 17.56 20.04 -1.18
N LYS B 25 17.22 18.91 -0.58
CA LYS B 25 17.57 18.57 0.78
C LYS B 25 17.82 17.07 0.81
N GLY B 26 18.26 16.60 1.97
CA GLY B 26 18.25 15.17 2.29
C GLY B 26 18.84 14.26 1.22
N ILE B 27 18.20 13.12 1.05
CA ILE B 27 18.76 12.05 0.25
C ILE B 27 18.79 12.43 -1.23
N GLY B 28 17.75 13.14 -1.66
CA GLY B 28 17.69 13.58 -3.04
C GLY B 28 18.86 14.47 -3.41
N ARG B 29 19.21 15.40 -2.51
CA ARG B 29 20.40 16.22 -2.71
C ARG B 29 21.67 15.36 -2.75
N GLU B 30 21.84 14.47 -1.77
CA GLU B 30 22.96 13.53 -1.82
C GLU B 30 23.06 12.83 -3.18
N MET B 31 21.93 12.33 -3.71
CA MET B 31 21.93 11.58 -4.97
C MET B 31 22.37 12.49 -6.13
N ALA B 32 21.82 13.71 -6.18
CA ALA B 32 22.24 14.67 -7.18
C ALA B 32 23.78 14.82 -7.20
N TYR B 33 24.36 15.07 -6.04
CA TYR B 33 25.84 15.18 -5.89
C TYR B 33 26.63 13.96 -6.37
N HIS B 34 26.18 12.76 -6.05
CA HIS B 34 26.87 11.59 -6.57
C HIS B 34 26.74 11.54 -8.09
N LEU B 35 25.58 11.93 -8.61
CA LEU B 35 25.38 11.88 -10.06
C LEU B 35 26.25 12.92 -10.77
N ALA B 36 26.39 14.10 -10.16
CA ALA B 36 27.29 15.14 -10.66
C ALA B 36 28.75 14.65 -10.70
N LYS B 37 29.24 14.19 -9.56
CA LYS B 37 30.61 13.65 -9.51
C LYS B 37 30.85 12.61 -10.62
N MET B 38 29.81 11.85 -10.96
CA MET B 38 29.94 10.80 -11.98
C MET B 38 29.86 11.34 -13.41
N GLY B 39 29.64 12.65 -13.54
CA GLY B 39 29.52 13.31 -14.85
C GLY B 39 28.22 13.00 -15.57
N ALA B 40 27.12 12.95 -14.82
CA ALA B 40 25.79 12.84 -15.44
C ALA B 40 25.16 14.21 -15.74
N HIS B 41 24.20 14.23 -16.65
CA HIS B 41 23.29 15.35 -16.76
C HIS B 41 22.20 15.16 -15.68
N VAL B 42 21.93 16.22 -14.91
CA VAL B 42 20.89 16.16 -13.89
C VAL B 42 19.86 17.29 -14.00
N VAL B 43 18.59 16.92 -13.81
CA VAL B 43 17.54 17.89 -13.52
C VAL B 43 16.98 17.57 -12.16
N VAL B 44 17.00 18.56 -11.27
CA VAL B 44 16.50 18.38 -9.93
C VAL B 44 15.24 19.20 -9.74
N THR B 45 14.36 18.76 -8.85
CA THR B 45 13.13 19.48 -8.59
C THR B 45 12.73 19.40 -7.12
N ALA B 46 11.85 20.33 -6.75
CA ALA B 46 11.32 20.52 -5.39
C ALA B 46 10.54 21.83 -5.49
N ARG B 47 10.02 22.33 -4.38
CA ARG B 47 9.20 23.54 -4.43
C ARG B 47 10.03 24.83 -4.40
N SER B 48 11.20 24.77 -3.74
CA SER B 48 11.97 25.96 -3.38
C SER B 48 13.04 26.33 -4.39
N LYS B 49 12.81 27.47 -5.02
CA LYS B 49 13.71 28.09 -6.00
C LYS B 49 15.16 28.17 -5.50
N GLU B 50 15.34 28.70 -4.29
CA GLU B 50 16.68 29.06 -3.79
C GLU B 50 17.49 27.82 -3.51
N THR B 51 16.93 26.91 -2.72
CA THR B 51 17.63 25.67 -2.30
C THR B 51 17.98 24.80 -3.50
N LEU B 52 17.15 24.82 -4.53
CA LEU B 52 17.48 24.12 -5.76
C LEU B 52 18.69 24.72 -6.48
N GLN B 53 18.82 26.06 -6.44
CA GLN B 53 19.96 26.75 -7.05
C GLN B 53 21.26 26.32 -6.38
N LYS B 54 21.29 26.36 -5.05
CA LYS B 54 22.45 25.84 -4.30
C LYS B 54 22.86 24.47 -4.84
N VAL B 55 21.90 23.57 -5.04
CA VAL B 55 22.22 22.19 -5.44
C VAL B 55 22.75 22.17 -6.86
N VAL B 56 22.12 22.95 -7.74
CA VAL B 56 22.57 23.07 -9.13
C VAL B 56 24.02 23.54 -9.20
N SER B 57 24.35 24.57 -8.42
CA SER B 57 25.69 25.18 -8.40
C SER B 57 26.73 24.16 -7.97
N HIS B 58 26.47 23.46 -6.88
CA HIS B 58 27.42 22.44 -6.45
C HIS B 58 27.53 21.30 -7.47
N CYS B 59 26.42 20.92 -8.09
CA CYS B 59 26.46 19.86 -9.12
C CYS B 59 27.43 20.18 -10.28
N LEU B 60 27.34 21.41 -10.79
CA LEU B 60 28.25 21.90 -11.83
C LEU B 60 29.70 21.91 -11.35
N GLU B 61 29.92 22.42 -10.12
CA GLU B 61 31.23 22.39 -9.48
C GLU B 61 31.78 20.98 -9.48
N LEU B 62 30.93 20.01 -9.18
CA LEU B 62 31.37 18.63 -8.99
C LEU B 62 31.66 17.84 -10.28
N GLY B 63 31.23 18.37 -11.42
CA GLY B 63 31.55 17.74 -12.70
C GLY B 63 30.38 17.18 -13.51
N ALA B 64 29.19 17.76 -13.33
CA ALA B 64 27.99 17.31 -14.03
C ALA B 64 27.99 17.73 -15.48
N ALA B 65 27.82 16.77 -16.38
CA ALA B 65 27.69 17.07 -17.81
C ALA B 65 26.78 18.27 -18.06
N SER B 66 25.64 18.34 -17.35
CA SER B 66 24.84 19.57 -17.23
C SER B 66 23.95 19.50 -16.00
N ALA B 67 23.41 20.64 -15.57
CA ALA B 67 22.61 20.69 -14.36
C ALA B 67 21.55 21.78 -14.45
N HIS B 68 20.33 21.44 -14.07
CA HIS B 68 19.21 22.39 -14.09
C HIS B 68 18.20 22.08 -12.98
N TYR B 69 17.34 23.05 -12.70
CA TYR B 69 16.27 22.84 -11.75
C TYR B 69 14.99 23.43 -12.28
N ILE B 70 13.87 22.78 -11.99
CA ILE B 70 12.56 23.31 -12.28
C ILE B 70 11.79 23.19 -10.99
N ALA B 71 11.18 24.27 -10.54
CA ALA B 71 10.50 24.28 -9.26
C ALA B 71 8.97 24.17 -9.36
N GLY B 72 8.37 23.61 -8.31
CA GLY B 72 6.93 23.42 -8.24
C GLY B 72 6.53 22.32 -7.26
N THR B 73 5.24 22.24 -6.97
CA THR B 73 4.74 21.26 -6.06
C THR B 73 4.18 20.05 -6.78
N MET B 74 4.60 18.89 -6.30
CA MET B 74 4.09 17.61 -6.78
C MET B 74 2.69 17.30 -6.25
N GLU B 75 2.07 18.26 -5.56
CA GLU B 75 0.62 18.24 -5.34
C GLU B 75 -0.15 18.51 -6.64
N ASP B 76 0.52 19.16 -7.58
CA ASP B 76 -0.08 19.60 -8.83
C ASP B 76 0.32 18.62 -9.93
N MET B 77 -0.64 17.79 -10.33
CA MET B 77 -0.35 16.71 -11.27
C MET B 77 -0.09 17.24 -12.66
N THR B 78 -0.58 18.46 -12.91
CA THR B 78 -0.26 19.15 -14.13
C THR B 78 1.24 19.50 -14.14
N PHE B 79 1.71 20.14 -13.06
CA PHE B 79 3.13 20.43 -12.94
C PHE B 79 3.99 19.18 -13.14
N ALA B 80 3.64 18.12 -12.43
CA ALA B 80 4.36 16.85 -12.52
C ALA B 80 4.48 16.39 -13.96
N GLU B 81 3.38 16.44 -14.70
CA GLU B 81 3.37 15.98 -16.09
C GLU B 81 4.22 16.87 -16.99
N GLN B 82 4.08 18.18 -16.83
CA GLN B 82 4.85 19.13 -17.62
C GLN B 82 6.33 19.11 -17.24
N PHE B 83 6.62 18.91 -15.97
CA PHE B 83 8.00 18.88 -15.48
C PHE B 83 8.89 17.87 -16.22
N VAL B 84 8.38 16.65 -16.38
CA VAL B 84 9.12 15.60 -17.08
C VAL B 84 9.34 15.98 -18.54
N ALA B 85 8.36 16.65 -19.15
CA ALA B 85 8.49 17.12 -20.54
C ALA B 85 9.65 18.13 -20.66
N GLN B 86 9.62 19.18 -19.84
CA GLN B 86 10.65 20.20 -19.81
C GLN B 86 12.04 19.60 -19.50
N ALA B 87 12.13 18.77 -18.46
CA ALA B 87 13.38 18.09 -18.11
C ALA B 87 13.95 17.24 -19.25
N GLY B 88 13.08 16.62 -20.04
CA GLY B 88 13.52 15.81 -21.18
C GLY B 88 14.07 16.67 -22.33
N LYS B 89 13.52 17.87 -22.47
CA LYS B 89 13.99 18.88 -23.45
C LYS B 89 15.38 19.43 -23.07
N LEU B 90 15.56 19.69 -21.77
CA LEU B 90 16.82 20.21 -21.24
C LEU B 90 17.97 19.25 -21.46
N MET B 91 17.69 17.94 -21.42
CA MET B 91 18.75 16.93 -21.53
C MET B 91 18.76 16.17 -22.86
N GLY B 92 17.69 16.31 -23.65
CA GLY B 92 17.56 15.60 -24.91
C GLY B 92 17.30 14.12 -24.71
N GLY B 93 16.38 13.80 -23.79
CA GLY B 93 16.11 12.41 -23.40
C GLY B 93 16.24 12.15 -21.90
N LEU B 94 16.09 10.87 -21.52
CA LEU B 94 16.03 10.47 -20.12
C LEU B 94 16.46 9.04 -19.98
N ASP B 95 17.34 8.78 -19.01
CA ASP B 95 17.83 7.41 -18.77
C ASP B 95 17.41 6.86 -17.42
N MET B 96 17.25 7.77 -16.44
CA MET B 96 16.90 7.35 -15.09
C MET B 96 15.96 8.35 -14.43
N LEU B 97 14.87 7.84 -13.88
CA LEU B 97 13.89 8.67 -13.19
C LEU B 97 13.92 8.27 -11.71
N ILE B 98 14.42 9.17 -10.86
CA ILE B 98 14.52 8.88 -9.44
C ILE B 98 13.40 9.59 -8.69
N LEU B 99 12.50 8.82 -8.13
CA LEU B 99 11.32 9.39 -7.47
C LEU B 99 11.53 9.34 -5.97
N ASN B 100 11.63 10.51 -5.36
CA ASN B 100 12.23 10.65 -4.03
C ASN B 100 11.44 11.53 -3.07
N HIS B 101 10.74 12.53 -3.60
CA HIS B 101 9.99 13.49 -2.77
C HIS B 101 8.84 12.85 -2.01
N ILE B 102 8.52 13.44 -0.87
CA ILE B 102 7.33 13.13 -0.09
C ILE B 102 6.74 14.45 0.42
N THR B 103 5.48 14.42 0.83
CA THR B 103 4.85 15.58 1.47
C THR B 103 5.31 15.69 2.92
N ASN B 104 5.45 16.91 3.43
CA ASN B 104 5.86 17.08 4.81
C ASN B 104 4.96 16.32 5.73
N THR B 105 5.56 15.55 6.63
CA THR B 105 4.79 14.85 7.64
C THR B 105 5.54 14.92 8.96
N SER B 106 4.89 14.49 10.03
CA SER B 106 5.47 14.52 11.38
C SER B 106 5.28 13.14 12.00
N LEU B 107 5.98 12.86 13.09
CA LEU B 107 5.75 11.60 13.81
C LEU B 107 4.69 11.79 14.86
N ASN B 108 3.52 11.16 14.65
CA ASN B 108 2.34 11.39 15.48
C ASN B 108 1.32 10.28 15.38
N LEU B 109 0.54 10.10 16.43
CA LEU B 109 -0.57 9.17 16.40
C LEU B 109 -1.58 9.65 15.36
N PHE B 110 -2.18 8.70 14.67
CA PHE B 110 -3.27 9.03 13.78
C PHE B 110 -4.50 9.28 14.62
N HIS B 111 -5.21 10.36 14.31
CA HIS B 111 -6.44 10.65 15.00
C HIS B 111 -7.60 10.70 13.99
N ASP B 112 -7.63 11.77 13.19
CA ASP B 112 -8.71 11.97 12.25
C ASP B 112 -8.30 12.81 11.06
N ASP B 113 -7.00 12.91 10.80
CA ASP B 113 -6.57 13.78 9.73
C ASP B 113 -6.67 13.15 8.34
N ILE B 114 -7.92 13.00 7.88
CA ILE B 114 -8.24 12.44 6.57
C ILE B 114 -7.53 13.21 5.45
N HIS B 115 -7.41 14.51 5.62
CA HIS B 115 -6.75 15.33 4.62
C HIS B 115 -5.25 15.07 4.54
N HIS B 116 -4.62 14.71 5.65
CA HIS B 116 -3.21 14.31 5.61
C HIS B 116 -3.06 12.96 4.89
N VAL B 117 -3.99 12.03 5.16
CA VAL B 117 -3.93 10.71 4.53
C VAL B 117 -4.05 10.87 3.01
N ARG B 118 -4.96 11.74 2.57
CA ARG B 118 -5.18 11.93 1.14
C ARG B 118 -3.98 12.63 0.52
N LYS B 119 -3.52 13.70 1.16
CA LYS B 119 -2.35 14.39 0.63
C LYS B 119 -1.12 13.47 0.53
N SER B 120 -0.92 12.61 1.55
CA SER B 120 0.23 11.68 1.53
C SER B 120 0.09 10.81 0.31
N MET B 121 -1.14 10.34 0.09
CA MET B 121 -1.41 9.46 -1.02
C MET B 121 -1.20 10.18 -2.37
N GLU B 122 -1.64 11.44 -2.46
CA GLU B 122 -1.53 12.20 -3.71
C GLU B 122 -0.05 12.48 -3.99
N VAL B 123 0.64 13.05 -3.03
CA VAL B 123 2.05 13.45 -3.22
C VAL B 123 3.03 12.27 -3.25
N ASN B 124 2.96 11.37 -2.26
CA ASN B 124 3.92 10.25 -2.17
C ASN B 124 3.67 9.11 -3.13
N PHE B 125 2.44 8.96 -3.61
CA PHE B 125 2.15 7.81 -4.45
C PHE B 125 1.65 8.20 -5.84
N LEU B 126 0.56 8.95 -5.87
CA LEU B 126 -0.04 9.31 -7.16
C LEU B 126 0.86 10.15 -8.06
N SER B 127 1.51 11.18 -7.51
CA SER B 127 2.44 11.96 -8.31
C SER B 127 3.53 11.08 -8.92
N TYR B 128 3.94 10.03 -8.23
CA TYR B 128 4.95 9.12 -8.76
C TYR B 128 4.43 8.35 -10.01
N VAL B 129 3.13 8.03 -10.00
CA VAL B 129 2.51 7.35 -11.13
C VAL B 129 2.43 8.33 -12.30
N VAL B 130 2.02 9.57 -12.03
CA VAL B 130 1.97 10.60 -13.07
C VAL B 130 3.32 10.86 -13.72
N LEU B 131 4.38 11.01 -12.89
CA LEU B 131 5.74 11.19 -13.42
C LEU B 131 6.20 10.01 -14.24
N THR B 132 5.81 8.81 -13.83
CA THR B 132 6.16 7.60 -14.57
C THR B 132 5.52 7.52 -15.96
N VAL B 133 4.21 7.72 -16.02
CA VAL B 133 3.46 7.73 -17.29
C VAL B 133 4.14 8.71 -18.27
N ALA B 134 4.46 9.91 -17.78
CA ALA B 134 5.08 10.96 -18.58
C ALA B 134 6.50 10.63 -19.04
N ALA B 135 7.26 9.95 -18.18
CA ALA B 135 8.65 9.60 -18.48
C ALA B 135 8.78 8.36 -19.36
N LEU B 136 7.76 7.53 -19.37
CA LEU B 136 7.91 6.20 -19.94
C LEU B 136 8.32 6.14 -21.44
N PRO B 137 7.72 6.98 -22.31
CA PRO B 137 8.22 6.94 -23.70
C PRO B 137 9.74 7.17 -23.80
N MET B 138 10.25 8.25 -23.17
CA MET B 138 11.71 8.47 -23.09
C MET B 138 12.47 7.27 -22.55
N LEU B 139 11.94 6.66 -21.49
CA LEU B 139 12.64 5.56 -20.87
C LEU B 139 12.60 4.37 -21.77
N LYS B 140 11.50 4.23 -22.50
CA LYS B 140 11.38 3.11 -23.41
C LYS B 140 12.44 3.20 -24.52
N GLN B 141 12.69 4.41 -25.03
CA GLN B 141 13.67 4.59 -26.10
C GLN B 141 15.12 4.56 -25.61
N SER B 142 15.33 4.67 -24.29
CA SER B 142 16.69 4.55 -23.74
C SER B 142 16.95 3.21 -23.03
N ASN B 143 15.93 2.36 -22.90
CA ASN B 143 16.06 1.15 -22.06
C ASN B 143 16.40 1.53 -20.61
N GLY B 144 15.71 2.53 -20.09
CA GLY B 144 16.07 3.15 -18.82
C GLY B 144 15.54 2.53 -17.54
N SER B 145 15.51 3.34 -16.50
CA SER B 145 15.34 2.86 -15.13
C SER B 145 14.53 3.81 -14.32
N ILE B 146 13.64 3.25 -13.51
CA ILE B 146 12.85 4.02 -12.56
C ILE B 146 13.28 3.58 -11.18
N VAL B 147 13.57 4.56 -10.32
CA VAL B 147 13.98 4.28 -8.96
C VAL B 147 12.93 4.90 -8.07
N VAL B 148 12.40 4.09 -7.17
CA VAL B 148 11.33 4.54 -6.30
C VAL B 148 11.82 4.46 -4.87
N VAL B 149 11.87 5.61 -4.23
CA VAL B 149 12.33 5.64 -2.84
C VAL B 149 11.20 5.29 -1.87
N SER B 150 11.35 4.17 -1.15
CA SER B 150 10.41 3.77 -0.08
C SER B 150 11.12 3.63 1.31
N SER B 151 10.57 2.82 2.21
CA SER B 151 11.02 2.80 3.59
C SER B 151 10.74 1.44 4.17
N LEU B 152 11.42 1.10 5.26
CA LEU B 152 11.06 -0.10 6.03
C LEU B 152 9.58 -0.02 6.41
N ALA B 153 9.09 1.21 6.56
CA ALA B 153 7.71 1.42 6.96
C ALA B 153 6.73 1.16 5.78
N GLY B 154 7.29 0.89 4.60
CA GLY B 154 6.52 0.40 3.43
C GLY B 154 6.62 -1.11 3.27
N LYS B 155 7.12 -1.81 4.30
CA LYS B 155 7.26 -3.27 4.29
C LYS B 155 6.75 -3.88 5.59
N VAL B 156 6.83 -3.13 6.69
CA VAL B 156 6.35 -3.61 7.97
C VAL B 156 5.66 -2.47 8.69
N ALA B 157 4.93 -2.78 9.74
CA ALA B 157 4.15 -1.75 10.43
C ALA B 157 4.90 -1.15 11.61
N TYR B 158 4.89 0.19 11.67
CA TYR B 158 5.34 1.00 12.80
C TYR B 158 4.20 1.92 13.21
N PRO B 159 4.09 2.24 14.52
CA PRO B 159 3.18 3.28 14.93
C PRO B 159 3.78 4.64 14.59
N MET B 160 2.93 5.67 14.54
CA MET B 160 3.32 7.07 14.35
C MET B 160 3.53 7.48 12.88
N VAL B 161 3.38 6.56 11.94
CA VAL B 161 3.59 6.88 10.52
C VAL B 161 2.49 6.25 9.64
N ALA B 162 1.24 6.31 10.09
CA ALA B 162 0.16 5.51 9.44
C ALA B 162 -0.11 5.95 7.99
N ALA B 163 -0.38 7.24 7.80
CA ALA B 163 -0.65 7.80 6.48
C ALA B 163 0.57 7.62 5.56
N TYR B 164 1.76 7.93 6.10
CA TYR B 164 3.03 7.72 5.42
C TYR B 164 3.20 6.27 4.96
N SER B 165 2.96 5.34 5.86
CA SER B 165 3.09 3.91 5.61
C SER B 165 2.10 3.42 4.55
N ALA B 166 0.84 3.86 4.64
CA ALA B 166 -0.16 3.62 3.59
C ALA B 166 0.41 3.91 2.20
N SER B 167 1.02 5.08 2.07
CA SER B 167 1.54 5.51 0.77
C SER B 167 2.78 4.75 0.30
N LYS B 168 3.62 4.35 1.25
CA LYS B 168 4.81 3.57 0.90
C LYS B 168 4.46 2.14 0.51
N PHE B 169 3.49 1.56 1.22
CA PHE B 169 2.95 0.24 0.84
C PHE B 169 2.32 0.31 -0.58
N ALA B 170 1.49 1.33 -0.82
CA ALA B 170 0.91 1.56 -2.17
C ALA B 170 1.98 1.51 -3.27
N LEU B 171 3.12 2.17 -3.03
CA LEU B 171 4.24 2.11 -3.99
C LEU B 171 4.71 0.72 -4.27
N ASP B 172 4.86 -0.10 -3.24
CA ASP B 172 5.30 -1.49 -3.43
C ASP B 172 4.24 -2.21 -4.31
N GLY B 173 2.96 -2.08 -3.96
CA GLY B 173 1.91 -2.77 -4.72
C GLY B 173 1.86 -2.35 -6.19
N PHE B 174 1.83 -1.05 -6.44
CA PHE B 174 1.77 -0.56 -7.80
C PHE B 174 2.96 -0.92 -8.65
N PHE B 175 4.15 -0.51 -8.20
CA PHE B 175 5.34 -0.65 -9.00
C PHE B 175 5.78 -2.09 -9.12
N SER B 176 5.49 -2.90 -8.11
CA SER B 176 5.84 -4.30 -8.24
C SER B 176 4.92 -4.99 -9.24
N SER B 177 3.68 -4.51 -9.32
CA SER B 177 2.72 -5.01 -10.30
C SER B 177 3.14 -4.62 -11.71
N ILE B 178 3.49 -3.35 -11.91
CA ILE B 178 3.80 -2.96 -13.27
C ILE B 178 5.12 -3.54 -13.73
N ARG B 179 5.99 -3.89 -12.77
CA ARG B 179 7.22 -4.60 -13.11
C ARG B 179 6.87 -5.95 -13.73
N LYS B 180 5.86 -6.63 -13.22
CA LYS B 180 5.40 -7.89 -13.82
C LYS B 180 4.80 -7.66 -15.21
N GLU B 181 4.18 -6.51 -15.40
CA GLU B 181 3.58 -6.13 -16.68
C GLU B 181 4.63 -5.79 -17.73
N TYR B 182 5.65 -5.01 -17.34
CA TYR B 182 6.77 -4.71 -18.22
C TYR B 182 7.43 -5.98 -18.68
N SER B 183 7.44 -6.98 -17.82
CA SER B 183 8.05 -8.24 -18.15
C SER B 183 7.21 -9.06 -19.15
N VAL B 184 5.89 -9.09 -19.00
CA VAL B 184 5.09 -9.82 -19.96
C VAL B 184 4.94 -9.05 -21.29
N SER B 185 5.01 -7.72 -21.23
CA SER B 185 4.87 -6.89 -22.42
C SER B 185 6.23 -6.48 -23.02
N ARG B 186 7.30 -7.09 -22.52
CA ARG B 186 8.69 -6.88 -23.00
C ARG B 186 9.19 -5.41 -23.01
N VAL B 187 8.69 -4.62 -22.06
CA VAL B 187 9.15 -3.24 -21.83
C VAL B 187 10.46 -3.32 -21.02
N ASN B 188 11.58 -3.01 -21.67
CA ASN B 188 12.90 -3.09 -21.04
C ASN B 188 13.18 -1.81 -20.23
N VAL B 189 12.28 -1.51 -19.29
CA VAL B 189 12.51 -0.46 -18.30
C VAL B 189 12.55 -1.10 -16.90
N SER B 190 13.65 -0.86 -16.18
CA SER B 190 13.85 -1.47 -14.86
C SER B 190 13.17 -0.63 -13.79
N ILE B 191 12.78 -1.28 -12.70
CA ILE B 191 12.11 -0.59 -11.58
C ILE B 191 12.76 -1.07 -10.30
N THR B 192 13.35 -0.12 -9.59
CA THR B 192 14.03 -0.40 -8.34
C THR B 192 13.29 0.23 -7.17
N LEU B 193 12.87 -0.61 -6.23
CA LEU B 193 12.21 -0.14 -5.03
C LEU B 193 13.25 -0.05 -3.91
N CYS B 194 13.49 1.15 -3.40
CA CYS B 194 14.45 1.35 -2.28
C CYS B 194 13.80 1.30 -0.91
N VAL B 195 14.25 0.40 -0.06
CA VAL B 195 13.66 0.25 1.28
C VAL B 195 14.66 0.73 2.33
N LEU B 196 14.44 1.95 2.83
CA LEU B 196 15.38 2.61 3.74
C LEU B 196 14.99 2.55 5.20
N GLY B 197 15.98 2.31 6.05
CA GLY B 197 15.82 2.52 7.52
C GLY B 197 15.83 4.02 7.80
N LEU B 198 15.86 4.41 9.08
CA LEU B 198 16.00 5.83 9.42
C LEU B 198 17.30 6.34 8.80
N ILE B 199 17.25 7.50 8.16
CA ILE B 199 18.45 8.11 7.57
C ILE B 199 18.66 9.51 8.18
N ASP B 200 19.91 9.90 8.43
CA ASP B 200 20.21 11.17 9.16
C ASP B 200 20.01 12.49 8.42
N THR B 201 18.92 12.62 7.66
CA THR B 201 18.57 13.88 7.04
C THR B 201 18.03 14.85 8.12
N GLU B 202 18.26 16.13 7.91
CA GLU B 202 17.84 17.16 8.87
C GLU B 202 16.34 17.06 9.22
N THR B 203 15.48 16.86 8.21
CA THR B 203 14.06 16.63 8.50
C THR B 203 13.87 15.48 9.51
N ALA B 204 14.49 14.34 9.27
CA ALA B 204 14.27 13.20 10.17
C ALA B 204 14.92 13.38 11.56
N MET B 205 16.13 13.94 11.58
CA MET B 205 16.85 14.14 12.84
C MET B 205 16.12 15.16 13.70
N LYS B 206 15.55 16.19 13.08
CA LYS B 206 14.67 17.07 13.84
C LYS B 206 13.42 16.35 14.42
N ALA B 207 12.85 15.41 13.67
CA ALA B 207 11.66 14.74 14.18
C ALA B 207 11.97 13.78 15.33
N VAL B 208 13.06 13.04 15.23
CA VAL B 208 13.38 12.05 16.26
C VAL B 208 14.16 12.59 17.46
N SER B 209 14.56 13.87 17.43
CA SER B 209 15.28 14.56 18.54
C SER B 209 14.73 14.21 19.90
N GLY B 210 15.55 13.59 20.74
CA GLY B 210 15.19 13.34 22.15
C GLY B 210 14.13 12.28 22.34
N ILE B 211 13.89 11.46 21.32
CA ILE B 211 13.05 10.28 21.48
C ILE B 211 13.93 9.08 21.28
N VAL B 212 13.62 8.04 22.02
CA VAL B 212 14.27 6.75 21.91
C VAL B 212 13.96 6.12 20.54
N HIS B 213 15.00 5.78 19.78
CA HIS B 213 14.85 5.20 18.44
C HIS B 213 16.13 4.50 18.01
N MET B 214 16.02 3.64 17.00
CA MET B 214 17.16 2.90 16.46
C MET B 214 18.09 3.83 15.68
N GLN B 215 19.36 3.46 15.63
CA GLN B 215 20.39 4.21 14.94
C GLN B 215 19.97 4.67 13.55
N ALA B 216 20.29 5.93 13.25
CA ALA B 216 20.21 6.46 11.90
C ALA B 216 21.46 6.13 11.07
N ALA B 217 21.23 5.85 9.79
CA ALA B 217 22.31 5.55 8.88
C ALA B 217 22.67 6.82 8.11
N PRO B 218 23.93 6.91 7.65
CA PRO B 218 24.40 8.10 6.92
C PRO B 218 23.66 8.35 5.60
N LYS B 219 23.31 9.60 5.33
CA LYS B 219 22.57 9.93 4.12
C LYS B 219 23.43 9.83 2.87
N GLU B 220 24.74 10.04 3.00
CA GLU B 220 25.59 10.06 1.82
C GLU B 220 25.74 8.67 1.19
N GLU B 221 26.01 7.68 2.02
CA GLU B 221 26.17 6.34 1.54
C GLU B 221 24.79 5.80 1.08
N CYS B 222 23.73 6.15 1.82
CA CYS B 222 22.38 5.78 1.45
C CYS B 222 22.15 6.12 -0.01
N ALA B 223 22.53 7.35 -0.34
CA ALA B 223 22.33 7.91 -1.66
C ALA B 223 23.14 7.19 -2.72
N LEU B 224 24.39 6.83 -2.41
CA LEU B 224 25.19 6.04 -3.36
C LEU B 224 24.59 4.63 -3.57
N GLU B 225 24.17 3.99 -2.47
CA GLU B 225 23.61 2.65 -2.57
C GLU B 225 22.33 2.64 -3.43
N ILE B 226 21.52 3.68 -3.32
CA ILE B 226 20.33 3.82 -4.16
C ILE B 226 20.69 3.88 -5.65
N ILE B 227 21.61 4.77 -6.01
CA ILE B 227 22.07 4.93 -7.39
C ILE B 227 22.69 3.65 -7.96
N LYS B 228 23.46 2.94 -7.13
CA LYS B 228 24.06 1.66 -7.52
C LYS B 228 23.00 0.59 -7.82
N GLY B 229 22.10 0.32 -6.89
CA GLY B 229 21.02 -0.62 -7.13
C GLY B 229 20.25 -0.23 -8.38
N GLY B 230 19.98 1.06 -8.53
CA GLY B 230 19.30 1.57 -9.71
C GLY B 230 20.05 1.31 -11.00
N ALA B 231 21.32 1.70 -11.03
CA ALA B 231 22.17 1.47 -12.20
C ALA B 231 22.29 -0.01 -12.51
N LEU B 232 22.32 -0.86 -11.48
CA LEU B 232 22.43 -2.29 -11.66
C LEU B 232 21.09 -2.95 -12.00
N ARG B 233 20.04 -2.13 -12.05
CA ARG B 233 18.69 -2.62 -12.35
C ARG B 233 18.18 -3.66 -11.33
N GLN B 234 18.51 -3.47 -10.05
CA GLN B 234 18.06 -4.42 -9.03
C GLN B 234 16.58 -4.21 -8.77
N GLU B 235 15.86 -5.25 -8.40
CA GLU B 235 14.46 -5.05 -8.05
C GLU B 235 14.33 -4.23 -6.76
N GLU B 236 15.14 -4.57 -5.77
CA GLU B 236 15.11 -3.88 -4.48
C GLU B 236 16.53 -3.48 -4.00
N VAL B 237 16.58 -2.36 -3.29
CA VAL B 237 17.78 -1.92 -2.60
C VAL B 237 17.36 -1.72 -1.17
N TYR B 238 18.11 -2.34 -0.26
CA TYR B 238 17.94 -2.16 1.15
C TYR B 238 19.08 -1.33 1.75
N TYR B 239 18.74 -0.32 2.56
CA TYR B 239 19.77 0.40 3.28
C TYR B 239 19.27 0.80 4.64
N ASP B 240 19.84 0.21 5.68
CA ASP B 240 19.62 0.61 7.06
C ASP B 240 20.76 0.06 7.95
N SER B 241 20.67 0.25 9.28
CA SER B 241 21.78 -0.04 10.19
C SER B 241 21.52 -1.25 11.08
N SER B 242 20.32 -1.78 11.04
CA SER B 242 19.93 -2.77 12.00
C SER B 242 20.34 -4.19 11.63
N LEU B 243 20.67 -4.95 12.67
CA LEU B 243 20.98 -6.38 12.58
C LEU B 243 19.71 -7.15 12.22
N TRP B 244 18.57 -6.63 12.62
CA TRP B 244 17.31 -7.32 12.47
C TRP B 244 16.81 -7.37 11.02
N THR B 245 17.20 -6.39 10.22
CA THR B 245 16.57 -6.16 8.94
C THR B 245 16.65 -7.34 7.97
N THR B 246 17.70 -8.16 8.11
CA THR B 246 17.89 -9.38 7.37
C THR B 246 16.68 -10.33 7.46
N LEU B 247 15.89 -10.23 8.51
CA LEU B 247 14.66 -11.00 8.63
C LEU B 247 13.65 -10.63 7.53
N LEU B 248 13.71 -9.38 7.08
CA LEU B 248 12.85 -8.90 6.02
C LEU B 248 13.52 -9.20 4.69
N ILE B 249 14.80 -8.86 4.57
CA ILE B 249 15.50 -8.96 3.31
C ILE B 249 15.50 -10.37 2.73
N ARG B 250 15.58 -11.35 3.62
CA ARG B 250 15.86 -12.71 3.23
C ARG B 250 14.64 -13.61 3.19
N ASN B 251 13.48 -13.09 3.60
CA ASN B 251 12.23 -13.85 3.57
C ASN B 251 11.82 -14.11 2.10
N PRO B 252 11.83 -15.38 1.67
CA PRO B 252 11.59 -15.63 0.24
C PRO B 252 10.13 -16.01 -0.10
N SER B 253 9.25 -16.11 0.91
CA SER B 253 7.82 -16.45 0.69
C SER B 253 7.10 -15.73 -0.45
N ARG B 254 7.19 -14.40 -0.45
CA ARG B 254 6.57 -13.59 -1.48
C ARG B 254 7.10 -13.94 -2.88
N LYS B 255 8.41 -14.06 -3.01
CA LYS B 255 9.00 -14.40 -4.27
C LYS B 255 8.58 -15.79 -4.76
N ILE B 256 8.34 -16.69 -3.81
CA ILE B 256 7.94 -18.02 -4.10
C ILE B 256 6.48 -18.00 -4.59
N LEU B 257 5.62 -17.26 -3.91
CA LEU B 257 4.25 -17.14 -4.33
C LEU B 257 4.13 -16.51 -5.72
N GLU B 258 4.84 -15.41 -5.98
CA GLU B 258 4.74 -14.76 -7.28
C GLU B 258 5.18 -15.71 -8.38
N PHE B 259 6.12 -16.58 -8.04
CA PHE B 259 6.66 -17.53 -9.00
C PHE B 259 5.65 -18.63 -9.30
N LEU B 260 5.01 -19.15 -8.27
CA LEU B 260 3.99 -20.16 -8.39
C LEU B 260 2.83 -19.70 -9.30
N TYR B 261 2.54 -18.41 -9.26
CA TYR B 261 1.37 -17.90 -9.96
C TYR B 261 1.73 -17.24 -11.28
N SER B 262 3.01 -17.24 -11.65
CA SER B 262 3.46 -16.38 -12.74
C SER B 262 3.20 -16.97 -14.14
N THR B 263 2.97 -18.27 -14.24
CA THR B 263 2.67 -18.89 -15.53
C THR B 263 1.62 -19.96 -15.32
N SER B 264 0.96 -20.37 -16.41
CA SER B 264 0.01 -21.48 -16.37
C SER B 264 0.74 -22.78 -16.00
N TYR B 265 1.99 -22.89 -16.43
CA TYR B 265 2.83 -24.05 -16.12
C TYR B 265 3.19 -24.15 -14.63
N ASN B 266 3.48 -23.01 -14.02
CA ASN B 266 3.69 -22.92 -12.56
C ASN B 266 2.41 -23.17 -11.74
N MET B 267 1.28 -22.65 -12.20
CA MET B 267 -0.02 -22.89 -11.53
C MET B 267 -0.50 -24.34 -11.66
N ASP B 268 -0.18 -24.95 -12.81
CA ASP B 268 -0.46 -26.37 -13.05
C ASP B 268 0.12 -27.38 -12.00
N ARG B 269 1.24 -27.01 -11.36
CA ARG B 269 1.84 -27.79 -10.25
C ARG B 269 0.81 -28.15 -9.14
N PHE B 270 -0.11 -27.24 -8.85
CA PHE B 270 -1.00 -27.38 -7.67
C PHE B 270 -2.48 -26.99 -7.87
N ILE B 271 -2.83 -26.57 -9.09
CA ILE B 271 -4.15 -26.06 -9.42
C ILE B 271 -4.70 -26.75 -10.68
N ASN B 272 -5.90 -27.34 -10.56
CA ASN B 272 -6.61 -27.89 -11.71
C ASN B 272 -6.95 -26.81 -12.76
N LYS B 273 -6.69 -27.14 -14.03
CA LYS B 273 -6.92 -26.25 -15.20
C LYS B 273 -8.28 -25.55 -15.25
N1 3PJ C . -2.08 -16.02 -11.72
C2 3PJ C . -10.02 -8.18 -8.92
C4 3PJ C . -8.96 -9.96 -7.68
C5 3PJ C . -10.07 -10.78 -7.88
C6 3PJ C . -11.13 -10.31 -8.62
C8 3PJ C . -12.02 -8.60 -11.45
C10 3PJ C . -3.71 -14.29 -11.47
O10 3PJ C . -13.39 -9.45 -9.70
C12 3PJ C . -3.28 -15.71 -11.23
N12 3PJ C . -7.03 -11.55 -7.30
O13 3PJ C . -7.72 -10.00 -5.72
C14 3PJ C . -6.78 -11.50 -8.79
C15 3PJ C . -5.92 -11.92 -6.40
C16 3PJ C . -5.32 -11.38 -9.23
C17 3PJ C . -5.13 -11.53 -10.75
C18 3PJ C . -5.78 -12.82 -11.33
C19 3PJ C . -7.24 -12.86 -10.87
C20 3PJ C . -7.36 -12.81 -9.35
F21 3PJ C . -11.69 -9.82 -11.73
F22 3PJ C . -11.03 -7.77 -11.82
F23 3PJ C . -13.15 -8.29 -12.08
C24 3PJ C . -6.51 -12.71 -5.24
C25 3PJ C . -5.76 -13.45 -6.33
C26 3PJ C . -5.78 -12.78 -12.84
C27 3PJ C . -6.55 -13.69 -13.58
C28 3PJ C . -6.56 -13.68 -14.99
C29 3PJ C . -5.80 -12.74 -15.68
C30 3PJ C . -5.05 -11.84 -14.96
C32 3PJ C . -5.09 -14.09 -10.84
OAI 3PJ C . -4.01 -16.49 -10.60
CAV 3PJ C . -8.93 -8.65 -8.18
CAW 3PJ C . -5.03 -11.85 -13.56
CBU 3PJ C . -12.77 -7.13 -9.56
CBV 3PJ C . -11.13 -9.01 -9.16
CBW 3PJ C . -7.84 -10.48 -6.83
CBZ 3PJ C . -12.32 -8.54 -9.96
PA NAP D . -18.26 -7.88 -5.96
O1A NAP D . -19.08 -9.10 -5.95
O2A NAP D . -17.77 -7.50 -7.31
O5B NAP D . -19.02 -6.71 -5.25
C5B NAP D . -18.33 -5.62 -4.71
C4B NAP D . -19.31 -4.89 -3.84
O4B NAP D . -18.90 -3.55 -3.74
C3B NAP D . -20.72 -4.88 -4.47
O3B NAP D . -21.71 -5.14 -3.49
C2B NAP D . -20.90 -3.47 -4.98
O2B NAP D . -22.26 -3.12 -4.91
C1B NAP D . -19.98 -2.67 -4.02
N9A NAP D . -19.57 -1.41 -4.63
C8A NAP D . -19.03 -1.22 -5.88
N7A NAP D . -18.81 0.11 -6.06
C5A NAP D . -19.20 0.78 -4.93
C6A NAP D . -19.21 2.14 -4.57
N6A NAP D . -18.77 3.09 -5.40
N1A NAP D . -19.67 2.52 -3.32
C2A NAP D . -20.14 1.54 -2.47
N3A NAP D . -20.13 0.20 -2.84
C4A NAP D . -19.66 -0.18 -4.04
O3 NAP D . -16.91 -8.11 -5.11
PN NAP D . -16.35 -9.43 -4.43
O1N NAP D . -17.43 -9.89 -3.56
O2N NAP D . -15.73 -10.34 -5.41
O5D NAP D . -15.21 -8.69 -3.55
C5D NAP D . -15.48 -8.21 -2.24
C4D NAP D . -14.16 -8.00 -1.47
O4D NAP D . -13.36 -9.18 -1.52
C3D NAP D . -13.34 -6.89 -2.10
O3D NAP D . -12.76 -6.09 -1.10
C2D NAP D . -12.29 -7.63 -2.88
O2D NAP D . -11.15 -6.86 -3.06
C1D NAP D . -12.07 -8.85 -2.04
N1N NAP D . -11.50 -9.95 -2.80
C2N NAP D . -12.21 -10.62 -3.77
C3N NAP D . -11.63 -11.65 -4.50
C7N NAP D . -12.40 -12.39 -5.55
O7N NAP D . -11.82 -13.37 -6.34
N7N NAP D . -13.69 -12.16 -5.71
C4N NAP D . -10.31 -11.99 -4.22
C5N NAP D . -9.58 -11.33 -3.24
C6N NAP D . -10.19 -10.29 -2.54
P2B NAP D . -22.95 -1.99 -5.87
O1X NAP D . -24.41 -2.18 -5.63
O2X NAP D . -22.58 -0.59 -5.41
O3X NAP D . -22.63 -2.26 -7.33
N1 3PJ E . 11.64 1.65 15.94
C2 3PJ E . 9.06 9.76 8.35
C4 3PJ E . 10.36 7.74 8.33
C5 3PJ E . 11.53 8.48 8.48
C6 3PJ E . 11.46 9.87 8.58
C8 3PJ E . 9.75 12.51 9.96
C10 3PJ E . 11.07 3.81 14.98
O10 3PJ E . 11.52 12.55 8.36
C12 3PJ E . 12.11 2.83 15.51
N12 3PJ E . 10.90 5.45 9.30
O13 3PJ E . 10.47 5.78 7.07
C14 3PJ E . 10.41 5.89 10.63
C15 3PJ E . 10.96 3.98 9.03
C16 3PJ E . 9.73 4.85 11.48
C17 3PJ E . 9.43 5.44 12.86
C18 3PJ E . 10.69 5.92 13.62
C19 3PJ E . 11.39 6.95 12.75
C20 3PJ E . 11.68 6.38 11.35
F21 3PJ E . 10.58 12.04 10.85
F22 3PJ E . 8.52 12.10 10.22
F23 3PJ E . 9.79 13.81 9.99
C24 3PJ E . 12.26 3.68 8.26
C25 3PJ E . 12.18 3.36 9.74
C26 3PJ E . 10.26 6.66 14.86
C27 3PJ E . 11.22 7.29 15.69
C28 3PJ E . 10.83 8.02 16.81
C29 3PJ E . 9.49 8.09 17.16
C30 3PJ E . 8.52 7.46 16.36
C32 3PJ E . 11.65 4.78 13.95
OAI 3PJ E . 13.31 3.11 15.53
CAV 3PJ E . 9.13 8.36 8.25
CAW 3PJ E . 8.91 6.74 15.22
CBU 3PJ E . 9.30 12.59 7.47
CBV 3PJ E . 10.22 10.52 8.52
CBW 3PJ E . 10.52 6.26 8.19
CBZ 3PJ E . 10.19 12.03 8.59
PA NAP F . 13.72 15.70 3.03
O1A NAP F . 15.15 15.86 3.30
O2A NAP F . 12.86 16.25 4.08
O5B NAP F . 13.42 16.37 1.61
C5B NAP F . 12.15 16.21 1.02
C4B NAP F . 12.27 16.82 -0.37
O4B NAP F . 10.98 16.83 -0.97
C3B NAP F . 12.74 18.27 -0.32
O3B NAP F . 13.48 18.56 -1.49
C2B NAP F . 11.46 19.05 -0.35
O2B NAP F . 11.73 20.31 -0.88
C1B NAP F . 10.63 18.16 -1.29
N9A NAP F . 9.18 18.33 -1.15
C8A NAP F . 8.41 18.36 0.00
N7A NAP F . 7.12 18.57 -0.38
C5A NAP F . 7.08 18.67 -1.74
C6A NAP F . 6.05 18.87 -2.65
N6A NAP F . 4.80 19.02 -2.24
N1A NAP F . 6.32 18.92 -3.99
C2A NAP F . 7.61 18.77 -4.47
N3A NAP F . 8.63 18.57 -3.57
C4A NAP F . 8.36 18.53 -2.23
O3 NAP F . 13.42 14.12 2.82
PN NAP F . 14.39 12.87 3.09
O1N NAP F . 15.66 13.12 2.42
O2N NAP F . 14.29 12.57 4.56
O5D NAP F . 13.57 11.71 2.32
C5D NAP F . 13.67 11.42 0.94
C4D NAP F . 13.03 10.07 0.65
O4D NAP F . 13.62 9.06 1.44
C3D NAP F . 11.53 10.04 0.92
O3D NAP F . 10.89 9.34 -0.14
C2D NAP F . 11.45 9.26 2.21
O2D NAP F . 10.27 8.55 2.40
C1D NAP F . 12.63 8.32 2.11
N1N NAP F . 13.01 7.85 3.44
C2N NAP F . 13.60 8.70 4.35
C3N NAP F . 13.91 8.22 5.63
C7N NAP F . 14.59 9.10 6.63
O7N NAP F . 14.82 8.65 7.94
N7N NAP F . 15.05 10.30 6.28
C4N NAP F . 13.65 6.90 5.95
C5N NAP F . 13.06 6.05 5.02
C6N NAP F . 12.75 6.55 3.76
P2B NAP F . 10.68 21.53 -0.78
O1X NAP F . 11.37 22.80 -1.20
O2X NAP F . 9.57 21.29 -1.77
O3X NAP F . 10.16 21.64 0.63
#